data_4WS7
#
_entry.id   4WS7
#
_cell.length_a   69.370
_cell.length_b   43.780
_cell.length_c   67.230
_cell.angle_alpha   90.00
_cell.angle_beta   98.46
_cell.angle_gamma   90.00
#
_symmetry.space_group_name_H-M   'C 1 2 1'
#
loop_
_entity.id
_entity.type
_entity.pdbx_description
1 polymer 'Uracil-DNA glycosylase'
2 non-polymer 5-chloropyrimidine-2,4(1H,3H)-dione
3 non-polymer 'CHLORIDE ION'
4 non-polymer 1,2-ETHANEDIOL
5 water water
#
_entity_poly.entity_id   1
_entity_poly.type   'polypeptide(L)'
_entity_poly.pdbx_seq_one_letter_code
;MHHHHHHGMASMTARPLSELVERGWAAALEPVADQVAHMGQFLRAEIAAGRRYLPAGSNVLRAFTFPFDNVRVLIVGQDP
YPTPGHAVGLSFSVAPDVRPWPRSLANIFDEYTADLGYPLPSNGDLTPWAQRGVLLLNRVLTVRPSNPASHRGKGWEAVT
ECAIRALAARAAPLVAILWGRDASTLKPMLAAGNCVAIESPHPSPLSASRGFFGSRPFSRANELLVGMGAEPIDWRLP
;
_entity_poly.pdbx_strand_id   A
#
loop_
_chem_comp.id
_chem_comp.type
_chem_comp.name
_chem_comp.formula
5UC non-polymer 5-chloropyrimidine-2,4(1H,3H)-dione 'C4 H3 Cl N2 O2'
CL non-polymer 'CHLORIDE ION' 'Cl -1'
EDO non-polymer 1,2-ETHANEDIOL 'C2 H6 O2'
#
# COMPACT_ATOMS: atom_id res chain seq x y z
N ARG A 15 21.00 7.27 7.06
CA ARG A 15 20.37 8.63 7.16
C ARG A 15 19.90 9.12 5.78
N PRO A 16 20.81 9.19 4.75
CA PRO A 16 20.26 9.45 3.41
C PRO A 16 19.21 8.41 3.03
N LEU A 17 18.08 8.90 2.51
CA LEU A 17 16.98 8.04 2.04
C LEU A 17 17.49 7.04 1.04
N SER A 18 18.48 7.47 0.23
CA SER A 18 19.14 6.58 -0.73
C SER A 18 19.68 5.29 -0.06
N GLU A 19 19.94 5.29 1.21
CA GLU A 19 20.33 4.02 1.90
C GLU A 19 19.14 3.06 2.23
N LEU A 20 17.91 3.57 2.21
CA LEU A 20 16.75 2.85 2.69
C LEU A 20 15.72 2.51 1.57
N VAL A 21 15.69 3.30 0.49
CA VAL A 21 14.70 3.09 -0.58
C VAL A 21 15.38 3.18 -1.95
N GLU A 22 14.67 2.73 -2.97
CA GLU A 22 15.06 2.80 -4.40
C GLU A 22 15.28 4.25 -4.80
N ARG A 23 16.16 4.49 -5.80
CA ARG A 23 16.62 5.85 -6.01
C ARG A 23 15.55 6.78 -6.45
N GLY A 24 14.67 6.29 -7.32
CA GLY A 24 13.52 7.11 -7.77
C GLY A 24 12.70 7.56 -6.58
N TRP A 25 12.45 6.65 -5.64
CA TRP A 25 11.72 7.01 -4.44
C TRP A 25 12.48 7.98 -3.60
N ALA A 26 13.80 7.78 -3.50
CA ALA A 26 14.65 8.67 -2.69
C ALA A 26 14.54 10.13 -3.21
N ALA A 27 14.51 10.26 -4.55
CA ALA A 27 14.33 11.54 -5.20
C ALA A 27 12.93 12.11 -4.97
N ALA A 28 11.89 11.26 -5.09
CA ALA A 28 10.53 11.68 -4.88
C ALA A 28 10.29 12.12 -3.43
N LEU A 29 10.95 11.49 -2.46
CA LEU A 29 10.64 11.71 -1.05
C LEU A 29 11.61 12.68 -0.36
N GLU A 30 12.54 13.23 -1.14
CA GLU A 30 13.50 14.20 -0.62
C GLU A 30 12.77 15.35 0.10
N PRO A 31 11.57 15.75 -0.41
CA PRO A 31 10.90 16.80 0.36
C PRO A 31 10.51 16.45 1.82
N VAL A 32 10.35 15.17 2.13
CA VAL A 32 10.02 14.75 3.48
C VAL A 32 11.15 13.95 4.11
N ALA A 33 12.37 14.14 3.63
CA ALA A 33 13.45 13.33 4.19
C ALA A 33 13.67 13.60 5.67
N ASP A 34 13.45 14.83 6.11
CA ASP A 34 13.56 15.14 7.54
C ASP A 34 12.49 14.47 8.35
N GLN A 35 11.26 14.48 7.81
CA GLN A 35 10.14 13.84 8.44
CA GLN A 35 10.12 13.88 8.44
C GLN A 35 10.38 12.34 8.62
N VAL A 36 11.01 11.71 7.63
CA VAL A 36 11.33 10.29 7.68
C VAL A 36 12.40 10.05 8.78
N ALA A 37 13.39 10.96 8.82
CA ALA A 37 14.39 10.94 9.91
C ALA A 37 13.74 11.06 11.31
N HIS A 38 12.81 11.99 11.48
CA HIS A 38 12.02 12.09 12.75
C HIS A 38 11.20 10.85 13.07
N MET A 39 10.66 10.18 12.03
CA MET A 39 9.98 8.86 12.26
C MET A 39 10.93 7.85 12.81
N GLY A 40 12.16 7.81 12.29
CA GLY A 40 13.19 6.86 12.78
C GLY A 40 13.51 7.07 14.29
N GLN A 41 13.52 8.32 14.70
CA GLN A 41 13.75 8.70 16.06
C GLN A 41 12.60 8.33 16.96
N PHE A 42 11.38 8.58 16.48
CA PHE A 42 10.16 8.16 17.17
C PHE A 42 10.18 6.67 17.39
N LEU A 43 10.49 5.90 16.32
CA LEU A 43 10.46 4.43 16.43
C LEU A 43 11.54 3.90 17.38
N ARG A 44 12.75 4.49 17.28
CA ARG A 44 13.76 4.21 18.22
C ARG A 44 13.32 4.46 19.66
N ALA A 45 12.69 5.60 19.93
CA ALA A 45 12.12 5.86 21.28
C ALA A 45 11.04 4.84 21.72
N GLU A 46 10.20 4.37 20.79
CA GLU A 46 9.17 3.39 21.05
C GLU A 46 9.82 2.10 21.56
N ILE A 47 10.90 1.67 20.91
CA ILE A 47 11.61 0.45 21.32
C ILE A 47 12.23 0.67 22.76
N ALA A 48 12.90 1.82 22.95
CA ALA A 48 13.54 2.17 24.26
C ALA A 48 12.51 2.14 25.40
N ALA A 49 11.27 2.51 25.08
CA ALA A 49 10.10 2.45 25.97
C ALA A 49 9.39 1.13 26.14
N GLY A 50 9.88 0.06 25.46
CA GLY A 50 9.32 -1.27 25.51
C GLY A 50 8.10 -1.37 24.61
N ARG A 51 7.83 -0.34 23.83
CA ARG A 51 6.68 -0.41 22.89
C ARG A 51 7.25 -0.80 21.51
N ARG A 52 7.15 -2.05 21.15
CA ARG A 52 7.68 -2.47 19.88
C ARG A 52 6.86 -1.74 18.78
N TYR A 53 7.19 -2.03 17.55
CA TYR A 53 6.37 -1.57 16.46
C TYR A 53 6.54 -2.63 15.44
N LEU A 54 5.63 -2.59 14.49
CA LEU A 54 5.54 -3.50 13.36
C LEU A 54 5.33 -2.65 12.13
N PRO A 55 5.80 -3.12 10.93
CA PRO A 55 6.61 -4.25 10.65
C PRO A 55 8.06 -3.98 11.17
N ALA A 56 8.95 -4.94 10.96
CA ALA A 56 10.39 -4.80 11.26
C ALA A 56 10.92 -3.55 10.62
N GLY A 57 11.88 -2.94 11.29
CA GLY A 57 12.54 -1.73 10.79
C GLY A 57 12.90 -1.75 9.30
N SER A 58 13.50 -2.86 8.88
CA SER A 58 13.98 -3.02 7.49
C SER A 58 12.85 -3.19 6.48
N ASN A 59 11.65 -3.43 6.98
CA ASN A 59 10.45 -3.53 6.15
C ASN A 59 9.55 -2.32 6.08
N VAL A 60 9.77 -1.37 6.96
CA VAL A 60 8.89 -0.17 7.09
C VAL A 60 8.70 0.56 5.76
N LEU A 61 9.81 0.80 5.06
CA LEU A 61 9.80 1.46 3.75
C LEU A 61 9.91 0.52 2.56
N ARG A 62 9.53 -0.73 2.74
CA ARG A 62 9.72 -1.72 1.72
C ARG A 62 8.95 -1.46 0.40
N ALA A 63 7.76 -0.88 0.49
CA ALA A 63 6.97 -0.48 -0.71
C ALA A 63 7.78 0.42 -1.64
N PHE A 64 8.63 1.23 -1.05
CA PHE A 64 9.52 2.16 -1.74
C PHE A 64 10.88 1.57 -2.14
N THR A 65 10.99 0.26 -2.05
CA THR A 65 12.19 -0.42 -2.58
C THR A 65 11.97 -1.01 -3.99
N PHE A 66 10.78 -0.85 -4.53
CA PHE A 66 10.46 -1.26 -5.89
C PHE A 66 10.35 0.05 -6.70
N PRO A 67 10.62 0.01 -8.01
CA PRO A 67 10.86 1.35 -8.62
C PRO A 67 9.67 2.32 -8.72
N PHE A 68 9.91 3.53 -8.24
CA PHE A 68 8.99 4.69 -8.37
C PHE A 68 8.52 4.86 -9.81
N ASP A 69 9.48 4.77 -10.76
CA ASP A 69 9.17 5.00 -12.15
C ASP A 69 8.30 3.91 -12.75
N ASN A 70 8.24 2.73 -12.14
CA ASN A 70 7.45 1.60 -12.69
C ASN A 70 6.06 1.42 -12.11
N VAL A 71 5.66 2.25 -11.14
CA VAL A 71 4.33 2.10 -10.57
C VAL A 71 3.28 2.43 -11.61
N ARG A 72 2.32 1.53 -11.82
CA ARG A 72 1.14 1.81 -12.63
C ARG A 72 -0.17 1.80 -11.84
N VAL A 73 -0.21 0.99 -10.75
CA VAL A 73 -1.36 0.91 -9.82
C VAL A 73 -0.86 1.13 -8.39
N LEU A 74 -1.50 2.05 -7.69
CA LEU A 74 -1.26 2.38 -6.30
C LEU A 74 -2.46 1.79 -5.50
N ILE A 75 -2.17 0.88 -4.59
CA ILE A 75 -3.16 0.46 -3.62
C ILE A 75 -2.85 1.15 -2.28
N VAL A 76 -3.84 1.80 -1.69
CA VAL A 76 -3.59 2.41 -0.37
C VAL A 76 -4.53 1.84 0.64
N GLY A 77 -3.95 1.18 1.64
CA GLY A 77 -4.71 0.74 2.74
C GLY A 77 -4.58 1.72 3.92
N GLN A 78 -4.95 1.26 5.11
CA GLN A 78 -4.97 2.09 6.31
C GLN A 78 -3.67 2.03 7.15
N ASP A 79 -3.49 0.94 7.88
CA ASP A 79 -2.37 0.78 8.78
C ASP A 79 -1.92 -0.66 8.68
N PRO A 80 -0.64 -0.93 9.05
CA PRO A 80 -0.17 -2.28 8.91
C PRO A 80 -0.84 -3.24 9.89
N TYR A 81 -0.83 -4.53 9.52
CA TYR A 81 -1.36 -5.58 10.41
C TYR A 81 -0.78 -5.43 11.83
N PRO A 82 -1.64 -5.51 12.85
CA PRO A 82 -1.15 -5.30 14.23
C PRO A 82 -0.63 -6.59 14.90
N THR A 83 -0.80 -7.78 14.27
CA THR A 83 -0.46 -9.02 14.98
C THR A 83 0.99 -9.36 14.64
N PRO A 84 1.84 -9.61 15.64
CA PRO A 84 3.22 -10.00 15.29
C PRO A 84 3.29 -11.21 14.36
N GLY A 85 4.15 -11.11 13.34
CA GLY A 85 4.32 -12.15 12.31
C GLY A 85 3.47 -11.92 11.04
N HIS A 86 2.68 -10.86 11.02
CA HIS A 86 1.92 -10.54 9.78
C HIS A 86 2.51 -9.49 8.83
N ALA A 87 2.55 -8.25 9.27
CA ALA A 87 3.02 -7.11 8.44
C ALA A 87 4.44 -7.32 7.95
N VAL A 88 4.63 -7.07 6.65
CA VAL A 88 5.94 -7.15 6.00
C VAL A 88 6.36 -5.96 5.18
N GLY A 89 5.61 -4.86 5.32
CA GLY A 89 5.93 -3.61 4.64
C GLY A 89 5.36 -3.44 3.24
N LEU A 90 4.66 -4.45 2.74
CA LEU A 90 3.80 -4.29 1.56
C LEU A 90 2.38 -4.44 2.07
N SER A 91 1.57 -3.41 1.93
CA SER A 91 0.22 -3.41 2.44
C SER A 91 -0.51 -4.74 2.11
N PHE A 92 -1.06 -5.31 3.18
CA PHE A 92 -1.91 -6.49 3.12
C PHE A 92 -1.14 -7.80 2.93
N SER A 93 0.10 -7.73 2.49
CA SER A 93 0.90 -8.91 2.22
C SER A 93 1.31 -9.60 3.54
N VAL A 94 1.52 -10.92 3.46
CA VAL A 94 2.17 -11.69 4.53
C VAL A 94 3.24 -12.58 3.91
N ALA A 95 4.16 -13.06 4.75
CA ALA A 95 5.17 -14.05 4.32
C ALA A 95 4.54 -15.30 3.79
N PRO A 96 5.26 -15.97 2.93
CA PRO A 96 4.58 -17.01 2.17
C PRO A 96 4.24 -18.24 3.01
N ASP A 97 4.78 -18.35 4.23
CA ASP A 97 4.46 -19.47 5.09
C ASP A 97 3.27 -19.23 6.04
N VAL A 98 2.75 -18.01 6.03
CA VAL A 98 1.75 -17.57 6.98
C VAL A 98 0.34 -18.14 6.70
N ARG A 99 -0.20 -18.83 7.70
CA ARG A 99 -1.60 -19.35 7.64
C ARG A 99 -2.04 -19.49 9.09
N PRO A 100 -3.27 -19.11 9.38
CA PRO A 100 -4.27 -18.54 8.44
C PRO A 100 -3.82 -17.18 7.88
N TRP A 101 -4.41 -16.80 6.75
CA TRP A 101 -4.22 -15.43 6.31
C TRP A 101 -4.97 -14.45 7.21
N PRO A 102 -4.42 -13.21 7.35
CA PRO A 102 -5.23 -12.26 8.05
C PRO A 102 -6.59 -12.03 7.38
N ARG A 103 -7.59 -11.61 8.15
CA ARG A 103 -8.96 -11.44 7.62
C ARG A 103 -9.08 -10.56 6.40
N SER A 104 -8.51 -9.37 6.44
CA SER A 104 -8.53 -8.54 5.22
C SER A 104 -7.97 -9.20 3.93
N LEU A 105 -6.86 -9.95 4.03
CA LEU A 105 -6.27 -10.63 2.89
C LEU A 105 -7.13 -11.74 2.38
N ALA A 106 -7.69 -12.59 3.26
CA ALA A 106 -8.68 -13.60 2.82
C ALA A 106 -9.81 -12.95 2.00
N ASN A 107 -10.33 -11.81 2.45
CA ASN A 107 -11.40 -11.11 1.78
C ASN A 107 -10.96 -10.57 0.43
N ILE A 108 -9.76 -9.98 0.40
CA ILE A 108 -9.11 -9.56 -0.83
C ILE A 108 -9.00 -10.70 -1.85
N PHE A 109 -8.56 -11.82 -1.38
CA PHE A 109 -8.41 -13.00 -2.25
C PHE A 109 -9.73 -13.63 -2.75
N ASP A 110 -10.79 -13.57 -1.94
CA ASP A 110 -12.10 -13.93 -2.48
C ASP A 110 -12.58 -12.97 -3.57
N GLU A 111 -12.42 -11.66 -3.41
CA GLU A 111 -12.80 -10.76 -4.47
C GLU A 111 -11.92 -10.97 -5.72
N TYR A 112 -10.64 -11.26 -5.53
CA TYR A 112 -9.77 -11.61 -6.58
C TYR A 112 -10.32 -12.76 -7.41
N THR A 113 -10.76 -13.85 -6.76
CA THR A 113 -11.24 -14.97 -7.55
C THR A 113 -12.58 -14.62 -8.20
N ALA A 114 -13.43 -13.92 -7.47
CA ALA A 114 -14.73 -13.56 -8.03
C ALA A 114 -14.58 -12.65 -9.23
N ASP A 115 -13.61 -11.72 -9.15
CA ASP A 115 -13.32 -10.74 -10.21
C ASP A 115 -12.58 -11.39 -11.40
N LEU A 116 -11.45 -12.02 -11.18
CA LEU A 116 -10.58 -12.44 -12.30
C LEU A 116 -10.77 -13.91 -12.73
N GLY A 117 -11.43 -14.70 -11.90
CA GLY A 117 -11.72 -16.12 -12.14
C GLY A 117 -10.51 -17.02 -11.97
N TYR A 118 -9.45 -16.52 -11.37
CA TYR A 118 -8.23 -17.30 -11.20
C TYR A 118 -8.37 -18.19 -9.97
N PRO A 119 -7.52 -19.20 -9.85
CA PRO A 119 -7.62 -20.01 -8.65
C PRO A 119 -7.29 -19.22 -7.37
N LEU A 120 -7.79 -19.66 -6.25
CA LEU A 120 -7.40 -19.06 -4.97
C LEU A 120 -5.86 -19.10 -4.85
N PRO A 121 -5.25 -18.02 -4.38
CA PRO A 121 -3.79 -18.11 -4.29
C PRO A 121 -3.31 -19.16 -3.29
N SER A 122 -2.11 -19.63 -3.52
CA SER A 122 -1.43 -20.63 -2.68
C SER A 122 -1.04 -20.09 -1.32
N ASN A 123 -0.55 -18.85 -1.32
CA ASN A 123 -0.12 -18.18 -0.15
C ASN A 123 -0.39 -16.68 -0.24
N GLY A 124 -0.07 -15.98 0.83
CA GLY A 124 -0.37 -14.58 1.03
C GLY A 124 0.67 -13.55 0.68
N ASP A 125 1.72 -13.98 -0.04
CA ASP A 125 2.80 -13.14 -0.47
C ASP A 125 2.41 -12.40 -1.80
N LEU A 126 2.27 -11.09 -1.65
CA LEU A 126 1.92 -10.16 -2.74
C LEU A 126 3.13 -9.61 -3.44
N THR A 127 4.33 -10.09 -3.10
N THR A 127 4.35 -10.09 -3.14
CA THR A 127 5.53 -9.69 -3.87
CA THR A 127 5.55 -9.56 -3.87
C THR A 127 5.37 -9.60 -5.39
C THR A 127 5.45 -9.60 -5.43
N PRO A 128 4.73 -10.60 -6.04
CA PRO A 128 4.58 -10.55 -7.51
C PRO A 128 3.90 -9.31 -8.02
N TRP A 129 2.92 -8.82 -7.29
CA TRP A 129 2.25 -7.56 -7.62
C TRP A 129 3.23 -6.40 -7.55
N ALA A 130 4.03 -6.40 -6.51
CA ALA A 130 4.95 -5.30 -6.30
C ALA A 130 6.00 -5.29 -7.40
N GLN A 131 6.39 -6.47 -7.85
CA GLN A 131 7.32 -6.63 -8.98
C GLN A 131 6.71 -6.25 -10.33
N ARG A 132 5.39 -6.13 -10.39
CA ARG A 132 4.68 -5.75 -11.60
C ARG A 132 4.08 -4.32 -11.60
N GLY A 133 4.56 -3.47 -10.68
CA GLY A 133 4.19 -2.04 -10.66
C GLY A 133 2.94 -1.70 -9.88
N VAL A 134 2.56 -2.59 -8.95
CA VAL A 134 1.49 -2.28 -7.99
C VAL A 134 2.22 -1.82 -6.74
N LEU A 135 1.99 -0.57 -6.32
CA LEU A 135 2.60 -0.02 -5.08
C LEU A 135 1.66 -0.34 -3.92
N LEU A 136 2.13 -1.13 -2.96
CA LEU A 136 1.25 -1.61 -1.92
C LEU A 136 1.47 -0.74 -0.65
N LEU A 137 0.78 0.39 -0.61
CA LEU A 137 1.03 1.42 0.40
C LEU A 137 -0.03 1.39 1.50
N ASN A 138 0.34 1.78 2.72
CA ASN A 138 -0.60 2.09 3.79
C ASN A 138 -0.51 3.59 4.10
N ARG A 139 -1.60 4.18 4.55
CA ARG A 139 -1.58 5.56 4.90
C ARG A 139 -0.53 5.86 6.02
N VAL A 140 -0.43 4.93 6.98
CA VAL A 140 0.46 4.95 8.15
C VAL A 140 1.33 3.66 8.01
N LEU A 141 2.65 3.79 8.21
CA LEU A 141 3.59 2.72 7.84
C LEU A 141 4.05 1.90 9.04
N THR A 142 3.62 2.24 10.25
CA THR A 142 3.91 1.42 11.38
C THR A 142 2.68 1.35 12.30
N VAL A 143 2.77 0.41 13.22
CA VAL A 143 1.77 0.18 14.23
C VAL A 143 2.43 -0.46 15.53
N ARG A 144 1.85 -0.16 16.67
CA ARG A 144 2.23 -0.92 17.88
C ARG A 144 1.55 -2.28 17.93
N PRO A 145 2.31 -3.37 18.17
CA PRO A 145 1.73 -4.72 18.18
C PRO A 145 0.47 -4.82 19.05
N SER A 146 -0.50 -5.57 18.55
CA SER A 146 -1.84 -5.76 19.14
C SER A 146 -2.65 -4.51 19.37
N ASN A 147 -2.30 -3.42 18.69
CA ASN A 147 -3.00 -2.12 18.88
C ASN A 147 -3.30 -1.46 17.56
N PRO A 148 -4.42 -1.91 16.91
CA PRO A 148 -4.73 -1.48 15.55
C PRO A 148 -4.68 0.02 15.43
N ALA A 149 -4.01 0.51 14.40
CA ALA A 149 -4.06 1.95 14.04
C ALA A 149 -3.42 2.88 15.08
N SER A 150 -2.57 2.29 15.91
CA SER A 150 -1.98 3.01 17.02
C SER A 150 -0.91 4.05 16.68
N HIS A 151 -0.33 4.04 15.47
CA HIS A 151 0.54 5.17 15.08
C HIS A 151 -0.12 6.24 14.20
N ARG A 152 -1.44 6.25 14.14
CA ARG A 152 -2.11 7.36 13.48
C ARG A 152 -1.72 8.66 14.20
N GLY A 153 -1.48 9.69 13.40
CA GLY A 153 -1.16 10.96 13.89
C GLY A 153 0.22 11.21 14.38
N LYS A 154 1.13 10.29 14.12
CA LYS A 154 2.49 10.34 14.63
C LYS A 154 3.54 10.84 13.61
N GLY A 155 3.09 11.15 12.40
CA GLY A 155 3.91 11.83 11.39
C GLY A 155 4.04 11.06 10.06
N TRP A 156 3.57 9.81 9.96
CA TRP A 156 3.64 9.13 8.69
C TRP A 156 2.77 9.77 7.57
N GLU A 157 1.66 10.38 7.96
CA GLU A 157 0.68 10.88 6.97
C GLU A 157 1.37 11.91 6.05
N ALA A 158 2.29 12.71 6.60
CA ALA A 158 3.02 13.69 5.76
C ALA A 158 3.88 12.95 4.69
N VAL A 159 4.49 11.84 5.10
CA VAL A 159 5.37 11.08 4.24
C VAL A 159 4.55 10.37 3.12
N THR A 160 3.42 9.75 3.48
CA THR A 160 2.63 9.01 2.49
C THR A 160 1.90 10.01 1.59
N GLU A 161 1.52 11.18 2.11
CA GLU A 161 0.98 12.20 1.23
C GLU A 161 2.01 12.59 0.17
N CYS A 162 3.24 12.81 0.59
CA CYS A 162 4.32 13.13 -0.41
C CYS A 162 4.49 12.03 -1.48
N ALA A 163 4.46 10.75 -1.06
CA ALA A 163 4.58 9.64 -1.98
C ALA A 163 3.44 9.62 -3.03
N ILE A 164 2.22 9.81 -2.56
CA ILE A 164 1.04 9.81 -3.41
C ILE A 164 1.05 10.94 -4.39
N ARG A 165 1.36 12.12 -3.87
CA ARG A 165 1.43 13.32 -4.68
C ARG A 165 2.54 13.24 -5.72
N ALA A 166 3.71 12.69 -5.36
CA ALA A 166 4.75 12.52 -6.34
C ALA A 166 4.33 11.54 -7.45
N LEU A 167 3.65 10.46 -7.07
CA LEU A 167 3.16 9.51 -8.07
C LEU A 167 2.21 10.15 -9.03
N ALA A 168 1.26 10.88 -8.48
CA ALA A 168 0.33 11.64 -9.31
C ALA A 168 0.97 12.66 -10.26
N ALA A 169 2.01 13.32 -9.80
CA ALA A 169 2.74 14.32 -10.63
C ALA A 169 3.56 13.71 -11.79
N ARG A 170 3.80 12.41 -11.82
CA ARG A 170 4.52 11.83 -12.94
C ARG A 170 3.66 11.96 -14.23
N ALA A 171 4.28 11.95 -15.38
CA ALA A 171 3.50 12.00 -16.67
C ALA A 171 2.58 10.74 -16.92
N ALA A 172 3.07 9.62 -16.45
CA ALA A 172 2.55 8.34 -16.78
C ALA A 172 1.12 8.08 -16.19
N PRO A 173 0.34 7.22 -16.86
CA PRO A 173 -0.98 6.76 -16.35
C PRO A 173 -0.86 6.09 -14.95
N LEU A 174 -1.84 6.41 -14.10
CA LEU A 174 -1.89 5.78 -12.73
C LEU A 174 -3.30 5.53 -12.38
N VAL A 175 -3.58 4.35 -11.85
CA VAL A 175 -4.87 4.07 -11.22
C VAL A 175 -4.60 3.84 -9.74
N ALA A 176 -5.32 4.58 -8.88
CA ALA A 176 -5.19 4.44 -7.41
C ALA A 176 -6.43 3.69 -6.94
N ILE A 177 -6.22 2.68 -6.12
CA ILE A 177 -7.30 1.87 -5.52
C ILE A 177 -7.25 2.19 -4.03
N LEU A 178 -8.30 2.82 -3.54
CA LEU A 178 -8.31 3.39 -2.18
C LEU A 178 -9.27 2.60 -1.28
N TRP A 179 -8.71 1.85 -0.35
CA TRP A 179 -9.43 0.88 0.47
C TRP A 179 -9.58 1.42 1.88
N GLY A 180 -10.76 1.89 2.16
CA GLY A 180 -11.09 2.32 3.56
C GLY A 180 -11.26 3.81 3.76
N ARG A 181 -11.11 4.19 5.02
CA ARG A 181 -11.54 5.48 5.54
C ARG A 181 -10.70 6.64 5.04
N ASP A 182 -9.56 6.37 4.43
CA ASP A 182 -8.72 7.47 3.98
C ASP A 182 -9.11 7.92 2.58
N ALA A 183 -10.02 7.19 1.89
CA ALA A 183 -10.33 7.49 0.50
C ALA A 183 -10.62 9.01 0.25
N SER A 184 -11.48 9.62 1.07
CA SER A 184 -11.88 10.99 0.82
C SER A 184 -10.72 12.00 0.99
N THR A 185 -9.76 11.65 1.85
CA THR A 185 -8.57 12.51 2.07
C THR A 185 -7.59 12.38 0.99
N LEU A 186 -7.55 11.18 0.41
CA LEU A 186 -6.57 10.88 -0.61
C LEU A 186 -6.98 11.29 -2.00
N LYS A 187 -8.28 11.20 -2.38
CA LYS A 187 -8.64 11.52 -3.77
C LYS A 187 -8.16 12.92 -4.23
N PRO A 188 -8.22 13.93 -3.34
CA PRO A 188 -7.74 15.25 -3.86
C PRO A 188 -6.26 15.26 -4.23
N MET A 189 -5.48 14.36 -3.63
CA MET A 189 -4.08 14.18 -3.92
C MET A 189 -3.82 13.55 -5.27
N LEU A 190 -4.86 12.95 -5.84
CA LEU A 190 -4.78 12.21 -7.04
C LEU A 190 -5.63 12.86 -8.16
N ALA A 191 -6.01 14.12 -7.94
CA ALA A 191 -6.76 14.94 -8.95
C ALA A 191 -5.69 15.58 -9.84
N ALA A 192 -5.49 14.92 -10.98
CA ALA A 192 -4.53 15.32 -11.99
C ALA A 192 -4.87 14.49 -13.24
N GLY A 193 -4.44 14.86 -14.43
N GLY A 193 -4.47 15.06 -14.36
CA GLY A 193 -5.05 14.26 -15.66
CA GLY A 193 -4.71 14.49 -15.66
C GLY A 193 -4.82 12.77 -16.03
C GLY A 193 -3.89 13.24 -15.61
N ASN A 194 -3.75 12.19 -15.54
N ASN A 194 -4.36 12.16 -16.24
CA ASN A 194 -3.14 10.94 -15.95
CA ASN A 194 -3.70 10.83 -16.28
C ASN A 194 -3.54 9.98 -14.86
C ASN A 194 -3.60 10.04 -14.93
N CYS A 195 -4.41 10.42 -13.91
CA CYS A 195 -4.68 9.65 -12.69
C CYS A 195 -6.17 9.35 -12.62
N VAL A 196 -6.51 8.14 -12.21
CA VAL A 196 -7.91 7.82 -11.85
C VAL A 196 -7.87 7.16 -10.48
N ALA A 197 -8.68 7.65 -9.55
CA ALA A 197 -8.77 7.09 -8.21
C ALA A 197 -10.15 6.40 -8.02
N ILE A 198 -10.17 5.15 -7.57
CA ILE A 198 -11.40 4.40 -7.36
C ILE A 198 -11.38 3.93 -5.92
N GLU A 199 -12.53 4.00 -5.26
CA GLU A 199 -12.53 3.71 -3.78
C GLU A 199 -13.48 2.56 -3.47
N SER A 200 -13.32 1.99 -2.29
CA SER A 200 -14.34 1.14 -1.68
C SER A 200 -14.09 1.11 -0.20
N PRO A 201 -15.13 0.73 0.58
CA PRO A 201 -14.88 0.31 1.96
C PRO A 201 -13.79 -0.73 2.06
N HIS A 202 -13.13 -0.68 3.20
CA HIS A 202 -11.97 -1.50 3.50
C HIS A 202 -12.33 -3.01 3.46
N PRO A 203 -11.41 -3.87 3.01
CA PRO A 203 -11.72 -5.35 2.98
C PRO A 203 -11.78 -6.10 4.36
N SER A 204 -11.63 -5.39 5.46
CA SER A 204 -11.79 -6.00 6.78
C SER A 204 -13.26 -6.45 6.91
N PRO A 205 -13.53 -7.54 7.68
CA PRO A 205 -14.91 -8.12 7.58
C PRO A 205 -16.13 -7.24 8.02
N LEU A 206 -15.86 -6.34 8.99
CA LEU A 206 -16.86 -5.38 9.42
C LEU A 206 -17.25 -4.35 8.35
N SER A 207 -16.34 -4.05 7.43
CA SER A 207 -16.65 -3.10 6.37
C SER A 207 -16.84 -3.79 5.01
N ALA A 208 -16.24 -4.94 4.85
CA ALA A 208 -16.16 -5.51 3.50
C ALA A 208 -17.50 -5.77 2.83
N SER A 209 -18.49 -6.16 3.66
CA SER A 209 -19.87 -6.49 3.33
C SER A 209 -20.59 -5.30 2.83
N ARG A 210 -20.05 -4.11 3.10
CA ARG A 210 -20.67 -2.86 2.75
C ARG A 210 -20.11 -2.23 1.46
N GLY A 211 -19.47 -3.02 0.59
CA GLY A 211 -19.05 -2.45 -0.71
C GLY A 211 -17.71 -2.88 -1.29
N PHE A 212 -16.91 -3.59 -0.48
CA PHE A 212 -15.68 -4.14 -0.96
C PHE A 212 -16.02 -5.34 -1.82
N PHE A 213 -16.76 -6.29 -1.29
CA PHE A 213 -17.15 -7.42 -2.10
C PHE A 213 -18.01 -6.93 -3.28
N GLY A 214 -17.71 -7.44 -4.47
CA GLY A 214 -18.39 -7.06 -5.70
C GLY A 214 -17.87 -5.81 -6.34
N SER A 215 -16.82 -5.22 -5.76
CA SER A 215 -16.23 -3.97 -6.29
C SER A 215 -15.33 -4.16 -7.50
N ARG A 216 -14.85 -5.35 -7.74
CA ARG A 216 -14.08 -5.65 -8.99
C ARG A 216 -12.94 -4.72 -9.26
N PRO A 217 -12.07 -4.48 -8.23
CA PRO A 217 -11.01 -3.47 -8.41
C PRO A 217 -9.90 -3.90 -9.38
N PHE A 218 -9.66 -5.18 -9.54
CA PHE A 218 -8.49 -5.61 -10.31
C PHE A 218 -8.76 -5.45 -11.81
N SER A 219 -9.93 -5.92 -12.26
N SER A 219 -9.93 -5.92 -12.24
CA SER A 219 -10.30 -5.79 -13.67
CA SER A 219 -10.35 -5.76 -13.63
C SER A 219 -10.71 -4.34 -13.95
C SER A 219 -10.58 -4.30 -13.89
N ARG A 220 -11.21 -3.62 -12.93
CA ARG A 220 -11.57 -2.22 -13.15
C ARG A 220 -10.29 -1.39 -13.42
N ALA A 221 -9.31 -1.58 -12.57
CA ALA A 221 -8.05 -0.94 -12.72
C ALA A 221 -7.44 -1.26 -14.11
N ASN A 222 -7.56 -2.52 -14.56
CA ASN A 222 -6.92 -2.87 -15.82
C ASN A 222 -7.65 -2.20 -16.99
N GLU A 223 -8.97 -2.16 -16.98
CA GLU A 223 -9.75 -1.44 -18.03
C GLU A 223 -9.39 0.06 -18.11
N LEU A 224 -9.24 0.68 -16.93
CA LEU A 224 -8.87 2.07 -16.84
C LEU A 224 -7.44 2.35 -17.36
N LEU A 225 -6.50 1.44 -17.02
CA LEU A 225 -5.12 1.55 -17.52
C LEU A 225 -5.16 1.49 -19.07
N VAL A 226 -5.87 0.51 -19.61
CA VAL A 226 -6.01 0.36 -21.08
C VAL A 226 -6.67 1.58 -21.72
N GLY A 227 -7.67 2.17 -21.07
CA GLY A 227 -8.27 3.47 -21.52
C GLY A 227 -7.31 4.62 -21.57
N MET A 228 -6.28 4.58 -20.73
CA MET A 228 -5.27 5.59 -20.72
C MET A 228 -4.08 5.23 -21.65
N GLY A 229 -4.15 4.08 -22.34
CA GLY A 229 -3.10 3.71 -23.26
C GLY A 229 -1.95 3.01 -22.55
N ALA A 230 -2.18 2.59 -21.29
CA ALA A 230 -1.14 1.89 -20.52
C ALA A 230 -1.41 0.40 -20.54
N GLU A 231 -0.40 -0.37 -20.18
CA GLU A 231 -0.57 -1.83 -20.09
C GLU A 231 -1.21 -2.28 -18.76
N PRO A 232 -2.11 -3.26 -18.84
CA PRO A 232 -2.85 -3.75 -17.70
C PRO A 232 -1.88 -4.57 -16.81
N ILE A 233 -2.20 -4.67 -15.55
CA ILE A 233 -1.44 -5.50 -14.61
C ILE A 233 -1.72 -6.97 -14.78
N ASP A 234 -0.67 -7.79 -14.76
CA ASP A 234 -0.88 -9.26 -14.64
C ASP A 234 -1.02 -9.57 -13.15
N TRP A 235 -2.25 -9.70 -12.69
CA TRP A 235 -2.57 -9.93 -11.25
C TRP A 235 -2.30 -11.36 -10.75
N ARG A 236 -2.01 -12.29 -11.66
CA ARG A 236 -2.01 -13.74 -11.34
C ARG A 236 -0.98 -14.04 -10.27
N LEU A 237 -1.46 -14.60 -9.17
CA LEU A 237 -0.59 -15.12 -8.13
C LEU A 237 -0.52 -16.63 -8.21
N PRO A 238 0.62 -17.17 -7.82
CA PRO A 238 0.76 -18.63 -7.81
C PRO A 238 -0.10 -19.27 -6.70
O2 5UC B . -1.30 -3.65 5.33
C2 5UC B . -2.48 -3.52 5.81
N3 5UC B . -3.32 -2.45 5.54
C4 5UC B . -4.56 -2.37 6.14
O4 5UC B . -5.36 -1.39 5.97
N1 5UC B . -2.89 -4.52 6.60
C6 5UC B . -4.05 -4.48 7.21
C5 5UC B . -4.93 -3.44 6.96
CL5 5UC B . -6.45 -3.56 7.90
CL CL C . -7.05 -7.76 8.87
C1 EDO D . -8.25 -8.57 -16.00
O1 EDO D . -6.97 -9.22 -16.32
C2 EDO D . -8.28 -7.22 -16.68
O2 EDO D . -9.49 -6.75 -17.33
#